data_1BMT
#
_entry.id   1BMT
#
_cell.length_a   96.700
_cell.length_b   55.300
_cell.length_c   103.800
_cell.angle_alpha   90.00
_cell.angle_beta   90.00
_cell.angle_gamma   90.00
#
_symmetry.space_group_name_H-M   'P 21 21 21'
#
loop_
_entity.id
_entity.type
_entity.pdbx_description
1 polymer 'METHIONINE SYNTHASE'
2 non-polymer CO-METHYLCOBALAMIN
3 water water
#
_entity_poly.entity_id   1
_entity_poly.type   'polypeptide(L)'
_entity_poly.pdbx_seq_one_letter_code
;QAEWRSWEVNKRLEYSLVKGITEFIEQDTEEARQQATRPIEVIEGPLMDGMNVVGDLFGEGKMFLPQVVKSARVMKQAVA
YLEPFIEASKEQGKTNGKMVIATVKGDVHDIGKNIVGVVLQCNNYEIVDLGVMVPAEKILRTAKEVNADLIGLSGLITPS
LDEMVNVAKEMERQGFTIPLLIGGATTSKAHTAVKIEQNYSGPTVYVQNASRTVGVVAALLSDTQRDDFVARTRKEYETV
RIQHGR
;
_entity_poly.pdbx_strand_id   A,B
#
# COMPACT_ATOMS: atom_id res chain seq x y z
N GLN A 1 -11.58 -7.10 34.33
CA GLN A 1 -10.68 -7.40 33.16
C GLN A 1 -10.09 -8.80 33.37
N ALA A 2 -9.27 -9.28 32.44
CA ALA A 2 -8.66 -10.61 32.57
C ALA A 2 -7.69 -10.91 31.41
N GLU A 3 -7.31 -12.17 31.27
CA GLU A 3 -6.38 -12.60 30.23
C GLU A 3 -6.84 -12.51 28.79
N TRP A 4 -5.84 -12.37 27.92
CA TRP A 4 -6.00 -12.28 26.47
C TRP A 4 -7.02 -13.23 25.88
N ARG A 5 -7.24 -14.31 26.59
CA ARG A 5 -8.16 -15.35 26.17
C ARG A 5 -9.63 -15.00 26.11
N SER A 6 -9.94 -13.72 26.03
CA SER A 6 -11.30 -13.28 25.94
C SER A 6 -11.45 -12.25 24.87
N TRP A 7 -10.33 -11.79 24.32
CA TRP A 7 -10.38 -10.74 23.31
C TRP A 7 -10.97 -11.16 21.95
N GLU A 8 -11.00 -10.20 21.02
CA GLU A 8 -11.50 -10.46 19.67
C GLU A 8 -10.48 -11.44 19.09
N VAL A 9 -10.95 -12.44 18.34
CA VAL A 9 -10.06 -13.43 17.76
C VAL A 9 -8.88 -12.78 17.03
N ASN A 10 -9.17 -11.77 16.23
CA ASN A 10 -8.13 -11.00 15.57
C ASN A 10 -7.20 -10.36 16.57
N LYS A 11 -7.76 -9.92 17.69
CA LYS A 11 -6.96 -9.32 18.74
C LYS A 11 -6.23 -10.38 19.53
N ARG A 12 -6.72 -11.60 19.49
CA ARG A 12 -6.04 -12.69 20.19
C ARG A 12 -4.88 -13.18 19.32
N LEU A 13 -5.07 -13.09 18.01
CA LEU A 13 -4.06 -13.51 17.06
C LEU A 13 -2.82 -12.63 17.25
N GLU A 14 -3.00 -11.35 17.01
CA GLU A 14 -1.92 -10.37 17.16
C GLU A 14 -1.14 -10.59 18.46
N TYR A 15 -1.82 -10.89 19.55
CA TYR A 15 -1.13 -11.13 20.81
C TYR A 15 -0.23 -12.36 20.73
N SER A 16 -0.80 -13.52 20.39
CA SER A 16 -0.07 -14.79 20.27
C SER A 16 1.23 -14.66 19.48
N LEU A 17 1.20 -13.79 18.47
CA LEU A 17 2.38 -13.59 17.63
C LEU A 17 3.44 -12.85 18.39
N VAL A 18 3.03 -11.77 19.05
CA VAL A 18 3.96 -10.95 19.83
C VAL A 18 4.67 -11.78 20.93
N LYS A 19 3.89 -12.47 21.75
CA LYS A 19 4.41 -13.28 22.87
C LYS A 19 4.94 -14.66 22.49
N GLY A 20 4.73 -15.11 21.26
CA GLY A 20 5.21 -16.41 20.85
C GLY A 20 4.52 -17.59 21.50
N ILE A 21 3.22 -17.45 21.73
CA ILE A 21 2.42 -18.51 22.34
C ILE A 21 1.93 -19.45 21.22
N THR A 22 2.29 -20.72 21.28
CA THR A 22 1.84 -21.65 20.24
C THR A 22 0.68 -22.51 20.72
N GLU A 23 0.21 -22.28 21.94
CA GLU A 23 -0.87 -23.11 22.48
C GLU A 23 -2.27 -22.91 21.87
N PHE A 24 -2.57 -21.72 21.32
CA PHE A 24 -3.89 -21.49 20.75
C PHE A 24 -3.90 -21.01 19.31
N ILE A 25 -2.77 -21.10 18.64
CA ILE A 25 -2.68 -20.62 17.26
C ILE A 25 -3.64 -21.28 16.25
N GLU A 26 -3.74 -22.60 16.26
CA GLU A 26 -4.64 -23.30 15.32
C GLU A 26 -6.11 -23.00 15.64
N GLN A 27 -6.47 -23.24 16.88
CA GLN A 27 -7.80 -23.00 17.37
C GLN A 27 -8.25 -21.57 17.03
N ASP A 28 -7.31 -20.62 17.18
CA ASP A 28 -7.58 -19.19 16.93
C ASP A 28 -7.66 -18.84 15.44
N THR A 29 -6.74 -19.43 14.68
CA THR A 29 -6.67 -19.23 13.26
C THR A 29 -7.95 -19.75 12.66
N GLU A 30 -8.40 -20.92 13.13
CA GLU A 30 -9.63 -21.50 12.64
C GLU A 30 -10.81 -20.52 12.80
N GLU A 31 -10.96 -19.92 13.98
CA GLU A 31 -12.03 -18.95 14.26
C GLU A 31 -11.93 -17.78 13.29
N ALA A 32 -10.71 -17.36 13.02
CA ALA A 32 -10.45 -16.28 12.08
C ALA A 32 -10.79 -16.70 10.64
N ARG A 33 -10.53 -17.96 10.31
CA ARG A 33 -10.79 -18.54 9.00
C ARG A 33 -12.28 -18.49 8.67
N GLN A 34 -13.10 -18.89 9.63
CA GLN A 34 -14.54 -18.91 9.45
C GLN A 34 -15.19 -17.55 9.27
N GLN A 35 -14.43 -16.50 9.53
CA GLN A 35 -14.96 -15.14 9.38
C GLN A 35 -14.55 -14.48 8.05
N ALA A 36 -13.39 -14.86 7.53
CA ALA A 36 -12.85 -14.32 6.27
C ALA A 36 -13.45 -15.02 5.08
N THR A 37 -13.60 -14.27 3.98
CA THR A 37 -14.13 -14.82 2.74
C THR A 37 -13.18 -15.88 2.25
N ARG A 38 -11.89 -15.54 2.31
CA ARG A 38 -10.80 -16.39 1.87
C ARG A 38 -9.70 -16.46 2.91
N PRO A 39 -9.05 -17.64 3.06
CA PRO A 39 -7.97 -17.89 4.02
C PRO A 39 -6.88 -16.86 3.87
N ILE A 40 -6.52 -16.57 2.62
CA ILE A 40 -5.47 -15.60 2.31
C ILE A 40 -5.72 -14.28 3.07
N GLU A 41 -6.98 -13.94 3.32
CA GLU A 41 -7.33 -12.73 4.06
C GLU A 41 -6.75 -12.73 5.47
N VAL A 42 -6.82 -13.85 6.19
CA VAL A 42 -6.29 -13.90 7.54
C VAL A 42 -4.77 -13.77 7.49
N ILE A 43 -4.15 -14.40 6.51
CA ILE A 43 -2.71 -14.32 6.43
C ILE A 43 -2.34 -12.89 6.15
N GLU A 44 -3.03 -12.26 5.21
CA GLU A 44 -2.71 -10.89 4.91
C GLU A 44 -3.38 -9.86 5.81
N GLY A 45 -4.23 -10.33 6.72
CA GLY A 45 -4.90 -9.42 7.62
C GLY A 45 -4.20 -9.45 8.98
N PRO A 46 -4.84 -10.06 10.00
CA PRO A 46 -4.33 -10.20 11.37
C PRO A 46 -2.88 -10.60 11.40
N LEU A 47 -2.60 -11.83 10.95
CA LEU A 47 -1.26 -12.38 10.95
C LEU A 47 -0.19 -11.40 10.53
N MET A 48 -0.38 -10.74 9.39
CA MET A 48 0.60 -9.79 8.91
C MET A 48 0.74 -8.67 9.92
N ASP A 49 -0.39 -8.15 10.38
CA ASP A 49 -0.38 -7.06 11.35
C ASP A 49 0.37 -7.44 12.59
N GLY A 50 0.21 -8.68 13.05
CA GLY A 50 0.95 -9.11 14.23
C GLY A 50 2.45 -9.06 13.98
N MET A 51 2.88 -9.62 12.85
CA MET A 51 4.27 -9.68 12.42
C MET A 51 4.87 -8.30 12.21
N ASN A 52 4.00 -7.34 11.88
CA ASN A 52 4.44 -5.97 11.71
C ASN A 52 4.82 -5.45 13.09
N VAL A 53 3.91 -5.62 14.05
CA VAL A 53 4.13 -5.19 15.43
C VAL A 53 5.44 -5.75 15.94
N VAL A 54 5.58 -7.08 15.80
CA VAL A 54 6.77 -7.82 16.20
C VAL A 54 8.02 -7.17 15.64
N GLY A 55 8.01 -6.93 14.33
CA GLY A 55 9.15 -6.29 13.69
C GLY A 55 9.47 -5.03 14.43
N ASP A 56 8.48 -4.17 14.59
CA ASP A 56 8.63 -2.90 15.30
C ASP A 56 9.29 -3.02 16.68
N LEU A 57 8.71 -3.85 17.55
CA LEU A 57 9.24 -4.06 18.89
C LEU A 57 10.70 -4.47 18.83
N PHE A 58 11.02 -5.28 17.83
CA PHE A 58 12.39 -5.71 17.64
C PHE A 58 13.21 -4.47 17.26
N GLY A 59 12.71 -3.73 16.27
CA GLY A 59 13.40 -2.53 15.82
C GLY A 59 13.66 -1.52 16.93
N GLU A 60 12.71 -1.37 17.86
CA GLU A 60 12.89 -0.42 18.95
C GLU A 60 13.65 -1.02 20.12
N GLY A 61 14.22 -2.19 19.90
CA GLY A 61 14.98 -2.85 20.95
C GLY A 61 14.11 -3.29 22.09
N LYS A 62 12.80 -3.23 21.91
CA LYS A 62 11.85 -3.65 22.92
C LYS A 62 11.58 -5.15 22.80
N MET A 63 12.15 -5.76 21.78
CA MET A 63 12.03 -7.18 21.54
C MET A 63 13.36 -7.65 21.02
N PHE A 64 13.72 -8.90 21.33
CA PHE A 64 15.01 -9.46 20.93
C PHE A 64 14.87 -10.63 19.98
N LEU A 65 15.94 -10.92 19.26
CA LEU A 65 15.93 -11.99 18.26
C LEU A 65 15.36 -13.34 18.69
N PRO A 66 15.78 -13.84 19.86
CA PRO A 66 15.23 -15.14 20.27
C PRO A 66 13.72 -15.08 20.46
N GLN A 67 13.18 -13.88 20.47
CA GLN A 67 11.77 -13.67 20.67
C GLN A 67 11.11 -13.50 19.31
N VAL A 68 11.75 -12.78 18.42
CA VAL A 68 11.19 -12.63 17.10
C VAL A 68 11.22 -14.04 16.49
N VAL A 69 12.21 -14.84 16.87
CA VAL A 69 12.30 -16.18 16.33
C VAL A 69 11.13 -17.06 16.75
N LYS A 70 10.66 -16.88 17.98
CA LYS A 70 9.50 -17.63 18.46
C LYS A 70 8.21 -17.14 17.81
N SER A 71 8.11 -15.82 17.64
CA SER A 71 6.98 -15.24 16.91
C SER A 71 6.90 -15.83 15.51
N ALA A 72 8.06 -16.01 14.89
CA ALA A 72 8.13 -16.66 13.60
C ALA A 72 7.53 -18.05 13.65
N ARG A 73 7.94 -18.85 14.64
CA ARG A 73 7.42 -20.20 14.81
C ARG A 73 5.89 -20.20 14.79
N VAL A 74 5.27 -19.31 15.55
CA VAL A 74 3.81 -19.18 15.58
C VAL A 74 3.23 -18.81 14.21
N MET A 75 3.71 -17.73 13.60
CA MET A 75 3.24 -17.30 12.27
C MET A 75 3.35 -18.46 11.31
N LYS A 76 4.48 -19.17 11.39
CA LYS A 76 4.66 -20.31 10.55
C LYS A 76 3.58 -21.35 10.85
N GLN A 77 3.29 -21.59 12.13
CA GLN A 77 2.27 -22.58 12.53
C GLN A 77 0.88 -22.23 12.01
N ALA A 78 0.57 -20.93 12.01
CA ALA A 78 -0.72 -20.44 11.55
C ALA A 78 -0.90 -20.63 10.05
N VAL A 79 0.13 -20.31 9.26
CA VAL A 79 0.06 -20.46 7.80
C VAL A 79 -0.16 -21.92 7.43
N ALA A 80 0.66 -22.79 8.02
CA ALA A 80 0.60 -24.23 7.83
C ALA A 80 -0.81 -24.66 8.01
N TYR A 81 -1.40 -24.36 9.17
CA TYR A 81 -2.77 -24.73 9.44
C TYR A 81 -3.65 -24.32 8.25
N LEU A 82 -3.44 -23.12 7.74
CA LEU A 82 -4.23 -22.62 6.63
C LEU A 82 -4.00 -23.24 5.27
N GLU A 83 -2.77 -23.61 4.95
CA GLU A 83 -2.47 -24.20 3.63
C GLU A 83 -3.47 -25.17 3.01
N PRO A 84 -3.86 -26.27 3.69
CA PRO A 84 -4.83 -27.17 3.05
C PRO A 84 -6.16 -26.49 2.76
N PHE A 85 -6.57 -25.58 3.63
CA PHE A 85 -7.83 -24.89 3.37
C PHE A 85 -7.71 -24.06 2.08
N ILE A 86 -6.46 -23.70 1.74
CA ILE A 86 -6.19 -22.96 0.52
C ILE A 86 -6.20 -23.94 -0.66
N GLU A 87 -5.46 -25.02 -0.51
CA GLU A 87 -5.39 -26.03 -1.55
C GLU A 87 -6.77 -26.59 -1.88
N ALA A 88 -7.60 -26.79 -0.85
CA ALA A 88 -8.93 -27.33 -1.08
C ALA A 88 -9.86 -26.24 -1.61
N SER A 89 -9.26 -25.09 -1.94
CA SER A 89 -9.98 -23.92 -2.43
C SER A 89 -10.04 -23.79 -3.94
N LYS A 90 -9.07 -24.35 -4.65
CA LYS A 90 -9.06 -24.24 -6.09
C LYS A 90 -8.02 -25.13 -6.77
N GLU A 91 -8.39 -25.68 -7.90
CA GLU A 91 -7.49 -26.55 -8.66
C GLU A 91 -7.67 -26.44 -10.18
N GLN A 92 -8.65 -25.66 -10.64
CA GLN A 92 -8.96 -25.55 -12.07
C GLN A 92 -8.76 -26.87 -12.82
N GLY A 93 -7.60 -27.05 -13.45
CA GLY A 93 -7.35 -28.27 -14.20
C GLY A 93 -5.92 -28.48 -14.66
N LYS A 94 -5.25 -27.39 -15.06
CA LYS A 94 -3.87 -27.50 -15.53
C LYS A 94 -3.04 -26.25 -15.28
N THR A 95 -1.74 -26.36 -15.57
CA THR A 95 -0.75 -25.31 -15.40
C THR A 95 -0.91 -24.11 -16.30
N ASN A 96 -0.82 -22.93 -15.71
CA ASN A 96 -0.93 -21.67 -16.42
C ASN A 96 0.47 -21.16 -16.77
N GLY A 97 1.44 -21.45 -15.90
CA GLY A 97 2.80 -21.00 -16.11
C GLY A 97 3.76 -21.73 -15.22
N LYS A 98 4.93 -21.16 -15.00
CA LYS A 98 5.94 -21.76 -14.14
C LYS A 98 6.83 -20.65 -13.64
N MET A 99 7.14 -20.69 -12.35
CA MET A 99 7.94 -19.66 -11.74
C MET A 99 8.99 -20.25 -10.85
N VAL A 100 10.17 -19.64 -10.89
CA VAL A 100 11.23 -20.04 -10.01
C VAL A 100 11.32 -18.84 -9.06
N ILE A 101 10.96 -19.07 -7.80
CA ILE A 101 10.98 -18.04 -6.78
C ILE A 101 12.10 -18.41 -5.79
N ALA A 102 12.68 -17.41 -5.16
CA ALA A 102 13.77 -17.65 -4.24
C ALA A 102 14.12 -16.42 -3.44
N THR A 103 14.59 -16.66 -2.22
CA THR A 103 15.01 -15.56 -1.39
C THR A 103 16.47 -15.33 -1.65
N VAL A 104 16.72 -14.10 -2.05
CA VAL A 104 18.02 -13.58 -2.41
C VAL A 104 19.19 -13.95 -1.47
N LYS A 105 20.41 -13.81 -1.96
CA LYS A 105 21.61 -14.14 -1.19
C LYS A 105 21.82 -13.41 0.12
N GLY A 106 22.24 -14.16 1.13
CA GLY A 106 22.54 -13.55 2.42
C GLY A 106 21.30 -13.16 3.19
N ASP A 107 20.15 -13.53 2.63
CA ASP A 107 18.87 -13.24 3.26
C ASP A 107 18.30 -14.60 3.62
N VAL A 108 17.69 -14.68 4.79
CA VAL A 108 17.18 -15.96 5.19
C VAL A 108 15.71 -15.89 5.51
N HIS A 109 15.13 -14.70 5.42
CA HIS A 109 13.71 -14.50 5.68
C HIS A 109 12.98 -15.25 4.56
N ASP A 110 11.90 -15.96 4.87
CA ASP A 110 11.15 -16.69 3.83
C ASP A 110 9.63 -16.91 4.07
N ILE A 111 9.12 -16.48 5.20
CA ILE A 111 7.69 -16.66 5.51
C ILE A 111 6.79 -16.06 4.41
N GLY A 112 7.28 -15.08 3.66
CA GLY A 112 6.50 -14.46 2.59
C GLY A 112 6.76 -15.07 1.22
N LYS A 113 8.02 -15.42 0.96
CA LYS A 113 8.41 -16.04 -0.30
C LYS A 113 7.48 -17.25 -0.41
N ASN A 114 7.22 -17.89 0.72
CA ASN A 114 6.37 -19.05 0.74
C ASN A 114 4.87 -18.76 0.57
N ILE A 115 4.33 -17.76 1.26
CA ILE A 115 2.91 -17.44 1.11
C ILE A 115 2.59 -17.13 -0.34
N VAL A 116 3.47 -16.38 -1.00
CA VAL A 116 3.26 -16.06 -2.41
C VAL A 116 3.36 -17.37 -3.23
N GLY A 117 4.19 -18.30 -2.76
CA GLY A 117 4.31 -19.58 -3.44
C GLY A 117 3.04 -20.43 -3.32
N VAL A 118 2.50 -20.54 -2.10
CA VAL A 118 1.28 -21.31 -1.82
C VAL A 118 0.04 -20.71 -2.48
N VAL A 119 0.06 -19.40 -2.67
CA VAL A 119 -1.03 -18.71 -3.31
C VAL A 119 -0.96 -19.04 -4.80
N LEU A 120 0.21 -18.82 -5.39
CA LEU A 120 0.42 -19.06 -6.81
C LEU A 120 0.10 -20.51 -7.20
N GLN A 121 0.43 -21.45 -6.31
CA GLN A 121 0.19 -22.87 -6.54
C GLN A 121 -1.28 -23.26 -6.69
N CYS A 122 -2.12 -22.87 -5.73
CA CYS A 122 -3.53 -23.22 -5.81
C CYS A 122 -4.20 -22.48 -6.97
N ASN A 123 -3.45 -21.62 -7.64
CA ASN A 123 -4.00 -20.89 -8.79
C ASN A 123 -3.53 -21.50 -10.09
N ASN A 124 -2.94 -22.68 -9.98
CA ASN A 124 -2.45 -23.45 -11.11
C ASN A 124 -1.24 -22.83 -11.79
N TYR A 125 -0.12 -22.92 -11.09
CA TYR A 125 1.18 -22.45 -11.52
C TYR A 125 2.10 -23.44 -10.86
N GLU A 126 3.27 -23.66 -11.44
CA GLU A 126 4.21 -24.61 -10.86
C GLU A 126 5.27 -23.76 -10.23
N ILE A 127 5.60 -24.01 -8.98
CA ILE A 127 6.60 -23.18 -8.37
C ILE A 127 7.79 -24.00 -7.92
N VAL A 128 8.97 -23.68 -8.45
CA VAL A 128 10.18 -24.36 -7.99
C VAL A 128 10.87 -23.30 -7.15
N ASP A 129 10.68 -23.44 -5.84
CA ASP A 129 11.24 -22.57 -4.82
C ASP A 129 12.64 -23.01 -4.49
N LEU A 130 13.61 -22.21 -4.90
CA LEU A 130 15.01 -22.53 -4.65
C LEU A 130 15.46 -22.33 -3.21
N GLY A 131 14.56 -21.82 -2.38
CA GLY A 131 14.86 -21.60 -0.97
C GLY A 131 15.45 -20.24 -0.61
N VAL A 132 16.15 -20.17 0.52
CA VAL A 132 16.75 -18.91 0.94
C VAL A 132 18.23 -18.84 0.56
N MET A 133 18.77 -17.63 0.59
CA MET A 133 20.19 -17.40 0.31
C MET A 133 20.70 -17.93 -1.03
N VAL A 134 19.83 -18.05 -2.04
CA VAL A 134 20.28 -18.55 -3.34
C VAL A 134 21.04 -17.53 -4.23
N PRO A 135 22.26 -17.90 -4.69
CA PRO A 135 23.11 -17.07 -5.53
C PRO A 135 22.52 -16.83 -6.90
N ALA A 136 22.86 -15.68 -7.48
CA ALA A 136 22.37 -15.30 -8.80
C ALA A 136 22.52 -16.46 -9.78
N GLU A 137 23.75 -16.94 -9.91
CA GLU A 137 24.09 -18.04 -10.82
C GLU A 137 23.13 -19.24 -10.76
N LYS A 138 22.83 -19.70 -9.55
CA LYS A 138 21.91 -20.82 -9.33
C LYS A 138 20.47 -20.50 -9.72
N ILE A 139 20.08 -19.22 -9.58
CA ILE A 139 18.73 -18.79 -9.92
C ILE A 139 18.56 -18.91 -11.44
N LEU A 140 19.50 -18.29 -12.17
CA LEU A 140 19.48 -18.31 -13.62
C LEU A 140 19.61 -19.72 -14.15
N ARG A 141 20.60 -20.46 -13.67
CA ARG A 141 20.78 -21.84 -14.11
C ARG A 141 19.47 -22.62 -14.02
N THR A 142 18.75 -22.44 -12.92
CA THR A 142 17.46 -23.12 -12.72
C THR A 142 16.39 -22.51 -13.61
N ALA A 143 16.41 -21.21 -13.76
CA ALA A 143 15.44 -20.52 -14.60
C ALA A 143 15.48 -21.10 -16.01
N LYS A 144 16.69 -21.34 -16.49
CA LYS A 144 16.94 -21.89 -17.82
C LYS A 144 16.54 -23.35 -17.89
N GLU A 145 17.18 -24.16 -17.07
CA GLU A 145 16.90 -25.58 -17.05
C GLU A 145 15.42 -25.89 -16.96
N VAL A 146 14.73 -25.23 -16.04
CA VAL A 146 13.33 -25.49 -15.85
C VAL A 146 12.43 -24.72 -16.81
N ASN A 147 13.02 -23.81 -17.58
CA ASN A 147 12.29 -23.00 -18.55
C ASN A 147 11.12 -22.29 -17.88
N ALA A 148 11.46 -21.45 -16.90
CA ALA A 148 10.44 -20.72 -16.16
C ALA A 148 9.91 -19.61 -17.01
N ASP A 149 8.67 -19.23 -16.76
CA ASP A 149 8.07 -18.16 -17.53
C ASP A 149 8.22 -16.86 -16.77
N LEU A 150 8.80 -16.94 -15.56
CA LEU A 150 9.02 -15.77 -14.72
C LEU A 150 10.02 -16.16 -13.65
N ILE A 151 10.48 -15.16 -12.89
CA ILE A 151 11.40 -15.35 -11.78
C ILE A 151 10.95 -14.44 -10.64
N GLY A 152 10.92 -14.94 -9.42
CA GLY A 152 10.51 -14.09 -8.33
C GLY A 152 11.59 -14.02 -7.27
N LEU A 153 11.95 -12.81 -6.84
CA LEU A 153 12.98 -12.64 -5.83
C LEU A 153 12.31 -12.09 -4.59
N SER A 154 12.64 -12.67 -3.44
CA SER A 154 12.10 -12.18 -2.17
C SER A 154 13.30 -11.58 -1.45
N GLY A 155 13.10 -10.43 -0.81
CA GLY A 155 14.17 -9.76 -0.09
C GLY A 155 13.59 -8.96 1.06
N LEU A 156 14.14 -9.15 2.26
CA LEU A 156 13.63 -8.47 3.43
C LEU A 156 14.62 -7.61 4.18
N ILE A 157 15.89 -7.70 3.84
CA ILE A 157 16.84 -6.84 4.54
C ILE A 157 17.45 -5.90 3.52
N THR A 158 17.98 -4.79 4.00
CA THR A 158 18.59 -3.78 3.13
C THR A 158 19.59 -4.33 2.09
N PRO A 159 20.56 -5.16 2.50
CA PRO A 159 21.53 -5.73 1.56
C PRO A 159 20.92 -6.50 0.40
N SER A 160 19.82 -7.20 0.67
CA SER A 160 19.15 -7.96 -0.37
C SER A 160 18.84 -7.07 -1.58
N LEU A 161 18.32 -5.88 -1.33
CA LEU A 161 18.00 -4.94 -2.40
C LEU A 161 19.09 -4.91 -3.43
N ASP A 162 20.33 -4.88 -2.98
CA ASP A 162 21.45 -4.81 -3.89
C ASP A 162 21.66 -6.07 -4.69
N GLU A 163 21.34 -7.22 -4.09
CA GLU A 163 21.47 -8.50 -4.77
C GLU A 163 20.40 -8.60 -5.85
N MET A 164 19.25 -7.98 -5.60
CA MET A 164 18.16 -7.97 -6.58
C MET A 164 18.66 -7.22 -7.79
N VAL A 165 19.21 -6.02 -7.57
CA VAL A 165 19.77 -5.18 -8.64
C VAL A 165 20.82 -6.00 -9.37
N ASN A 166 21.56 -6.78 -8.59
CA ASN A 166 22.57 -7.60 -9.18
C ASN A 166 21.99 -8.68 -10.09
N VAL A 167 21.06 -9.51 -9.61
CA VAL A 167 20.53 -10.52 -10.52
C VAL A 167 19.75 -9.93 -11.71
N ALA A 168 19.34 -8.66 -11.63
CA ALA A 168 18.66 -8.04 -12.77
C ALA A 168 19.81 -7.93 -13.79
N LYS A 169 20.90 -7.28 -13.39
CA LYS A 169 22.05 -7.14 -14.26
C LYS A 169 22.48 -8.48 -14.85
N GLU A 170 22.67 -9.47 -13.99
CA GLU A 170 23.09 -10.79 -14.43
C GLU A 170 22.14 -11.45 -15.42
N MET A 171 20.86 -11.20 -15.27
CA MET A 171 19.89 -11.77 -16.19
C MET A 171 20.13 -11.15 -17.55
N GLU A 172 20.30 -9.83 -17.55
CA GLU A 172 20.53 -9.07 -18.78
C GLU A 172 21.77 -9.58 -19.52
N ARG A 173 22.80 -9.91 -18.74
CA ARG A 173 24.05 -10.47 -19.28
C ARG A 173 23.79 -11.74 -20.07
N GLN A 174 23.03 -12.66 -19.47
CA GLN A 174 22.62 -13.88 -20.15
C GLN A 174 21.48 -13.59 -21.11
N GLY A 175 21.20 -12.31 -21.31
CA GLY A 175 20.18 -11.89 -22.24
C GLY A 175 18.90 -12.69 -22.06
N PHE A 176 18.34 -12.59 -20.85
CA PHE A 176 17.09 -13.24 -20.50
C PHE A 176 16.02 -12.33 -21.02
N THR A 177 14.78 -12.80 -20.97
CA THR A 177 13.69 -11.99 -21.46
C THR A 177 12.41 -12.19 -20.64
N ILE A 178 12.42 -13.17 -19.73
CA ILE A 178 11.25 -13.41 -18.91
C ILE A 178 11.08 -12.27 -17.95
N PRO A 179 9.86 -12.09 -17.46
CA PRO A 179 9.66 -10.99 -16.53
C PRO A 179 10.22 -11.34 -15.16
N LEU A 180 10.78 -10.33 -14.51
CA LEU A 180 11.35 -10.48 -13.19
C LEU A 180 10.41 -9.78 -12.19
N LEU A 181 9.96 -10.53 -11.19
CA LEU A 181 9.05 -10.06 -10.15
C LEU A 181 9.84 -9.80 -8.86
N ILE A 182 9.67 -8.60 -8.33
CA ILE A 182 10.38 -8.22 -7.11
C ILE A 182 9.37 -8.11 -6.00
N GLY A 183 9.79 -8.48 -4.78
CA GLY A 183 8.92 -8.41 -3.62
C GLY A 183 9.65 -8.63 -2.30
N GLY A 184 8.96 -8.38 -1.21
CA GLY A 184 9.55 -8.54 0.11
C GLY A 184 9.22 -7.30 0.90
N ALA A 185 9.18 -7.45 2.22
CA ALA A 185 8.86 -6.34 3.12
C ALA A 185 9.69 -5.09 2.91
N THR A 186 10.97 -5.22 2.61
CA THR A 186 11.76 -4.01 2.42
C THR A 186 11.88 -3.57 0.98
N THR A 187 11.06 -4.13 0.12
CA THR A 187 11.02 -3.82 -1.30
C THR A 187 9.95 -2.77 -1.59
N SER A 188 10.31 -1.71 -2.30
CA SER A 188 9.34 -0.67 -2.64
C SER A 188 9.35 -0.46 -4.12
N LYS A 189 8.24 0.01 -4.67
CA LYS A 189 8.15 0.32 -6.09
C LYS A 189 9.17 1.39 -6.49
N ALA A 190 9.40 2.36 -5.60
CA ALA A 190 10.36 3.44 -5.84
C ALA A 190 11.74 2.88 -6.07
N HIS A 191 12.23 2.10 -5.12
CA HIS A 191 13.55 1.51 -5.31
C HIS A 191 13.49 0.62 -6.57
N THR A 192 12.37 -0.05 -6.80
CA THR A 192 12.25 -0.93 -7.97
C THR A 192 12.39 -0.19 -9.29
N ALA A 193 11.86 1.02 -9.35
CA ALA A 193 11.91 1.81 -10.57
C ALA A 193 13.18 2.60 -10.66
N VAL A 194 13.65 3.09 -9.52
CA VAL A 194 14.85 3.93 -9.48
C VAL A 194 16.16 3.16 -9.62
N LYS A 195 16.30 2.08 -8.86
CA LYS A 195 17.51 1.28 -8.83
C LYS A 195 17.47 -0.15 -9.37
N ILE A 196 16.31 -0.75 -9.61
CA ILE A 196 16.34 -2.13 -10.13
C ILE A 196 16.07 -2.32 -11.62
N GLU A 197 14.92 -1.84 -12.09
CA GLU A 197 14.50 -1.96 -13.50
C GLU A 197 15.51 -1.67 -14.61
N GLN A 198 15.98 -0.43 -14.64
CA GLN A 198 16.97 0.07 -15.60
C GLN A 198 18.01 -0.95 -16.09
N ASN A 199 18.34 -1.90 -15.21
CA ASN A 199 19.33 -2.95 -15.45
C ASN A 199 18.84 -4.18 -16.17
N TYR A 200 17.68 -4.10 -16.79
CA TYR A 200 17.16 -5.28 -17.46
C TYR A 200 16.11 -4.92 -18.50
N SER A 201 16.28 -5.48 -19.69
CA SER A 201 15.39 -5.21 -20.81
C SER A 201 14.05 -5.91 -20.79
N GLY A 202 13.93 -6.91 -19.92
CA GLY A 202 12.68 -7.65 -19.79
C GLY A 202 11.84 -6.95 -18.75
N PRO A 203 10.66 -7.45 -18.47
CA PRO A 203 9.84 -6.77 -17.47
C PRO A 203 10.31 -6.91 -16.04
N THR A 204 10.25 -5.82 -15.29
CA THR A 204 10.58 -5.86 -13.87
C THR A 204 9.38 -5.21 -13.22
N VAL A 205 8.57 -6.05 -12.60
CA VAL A 205 7.37 -5.60 -11.94
C VAL A 205 7.49 -5.89 -10.43
N TYR A 206 7.18 -4.87 -9.64
CA TYR A 206 7.22 -5.01 -8.19
C TYR A 206 5.80 -5.28 -7.76
N VAL A 207 5.58 -6.39 -7.07
CA VAL A 207 4.24 -6.72 -6.60
C VAL A 207 4.22 -6.48 -5.07
N GLN A 208 3.23 -5.72 -4.60
CA GLN A 208 3.12 -5.40 -3.19
C GLN A 208 2.95 -6.59 -2.29
N ASN A 209 2.05 -7.51 -2.66
CA ASN A 209 1.81 -8.69 -1.85
C ASN A 209 1.41 -9.92 -2.65
N ALA A 210 1.33 -11.06 -1.97
CA ALA A 210 1.01 -12.35 -2.58
C ALA A 210 -0.28 -12.41 -3.40
N SER A 211 -1.40 -12.06 -2.79
CA SER A 211 -2.68 -12.10 -3.46
C SER A 211 -2.63 -11.33 -4.77
N ARG A 212 -2.04 -10.14 -4.73
CA ARG A 212 -1.92 -9.30 -5.91
C ARG A 212 -0.95 -9.80 -6.93
N THR A 213 -0.19 -10.84 -6.59
CA THR A 213 0.77 -11.38 -7.52
C THR A 213 0.00 -12.10 -8.62
N VAL A 214 -1.07 -12.80 -8.25
CA VAL A 214 -1.89 -13.51 -9.22
C VAL A 214 -2.25 -12.59 -10.38
N GLY A 215 -2.83 -11.43 -10.05
CA GLY A 215 -3.24 -10.44 -11.04
C GLY A 215 -2.17 -9.92 -11.99
N VAL A 216 -0.91 -9.99 -11.57
CA VAL A 216 0.22 -9.57 -12.40
C VAL A 216 0.71 -10.73 -13.25
N VAL A 217 1.01 -11.87 -12.61
CA VAL A 217 1.49 -13.05 -13.28
C VAL A 217 0.60 -13.37 -14.48
N ALA A 218 -0.71 -13.15 -14.31
CA ALA A 218 -1.71 -13.37 -15.35
C ALA A 218 -1.54 -12.42 -16.52
N ALA A 219 -1.36 -11.14 -16.21
CA ALA A 219 -1.15 -10.14 -17.24
C ALA A 219 0.15 -10.46 -17.97
N LEU A 220 1.23 -10.58 -17.20
CA LEU A 220 2.55 -10.90 -17.74
C LEU A 220 2.52 -12.08 -18.67
N LEU A 221 1.55 -12.95 -18.46
CA LEU A 221 1.42 -14.16 -19.25
C LEU A 221 0.30 -14.16 -20.29
N SER A 222 -0.49 -13.09 -20.31
CA SER A 222 -1.60 -13.00 -21.25
C SER A 222 -1.19 -12.37 -22.58
N ASP A 223 -1.49 -13.05 -23.68
CA ASP A 223 -1.16 -12.55 -25.01
C ASP A 223 -1.82 -11.21 -25.24
N THR A 224 -2.99 -11.05 -24.67
CA THR A 224 -3.75 -9.83 -24.81
C THR A 224 -3.17 -8.73 -23.92
N GLN A 225 -3.30 -8.96 -22.62
CA GLN A 225 -2.87 -8.02 -21.58
C GLN A 225 -1.39 -7.66 -21.57
N ARG A 226 -0.55 -8.63 -21.88
CA ARG A 226 0.90 -8.49 -21.87
C ARG A 226 1.54 -7.14 -22.20
N ASP A 227 1.63 -6.84 -23.49
CA ASP A 227 2.29 -5.62 -23.96
C ASP A 227 1.79 -4.30 -23.39
N ASP A 228 0.52 -4.27 -23.01
CA ASP A 228 -0.09 -3.08 -22.42
C ASP A 228 0.38 -2.98 -20.99
N PHE A 229 0.03 -3.97 -20.19
CA PHE A 229 0.44 -3.99 -18.80
C PHE A 229 1.91 -3.67 -18.67
N VAL A 230 2.75 -4.39 -19.42
CA VAL A 230 4.18 -4.16 -19.36
C VAL A 230 4.60 -2.77 -19.76
N ALA A 231 3.78 -2.10 -20.55
CA ALA A 231 4.10 -0.76 -21.00
C ALA A 231 3.65 0.28 -19.98
N ARG A 232 2.48 0.04 -19.39
CA ARG A 232 1.87 0.91 -18.39
C ARG A 232 2.87 0.93 -17.23
N THR A 233 3.29 -0.28 -16.82
CA THR A 233 4.25 -0.48 -15.74
C THR A 233 5.53 0.33 -16.00
N ARG A 234 6.20 0.04 -17.11
CA ARG A 234 7.42 0.73 -17.46
C ARG A 234 7.28 2.23 -17.40
N LYS A 235 6.16 2.73 -17.93
CA LYS A 235 5.89 4.15 -17.95
C LYS A 235 5.65 4.73 -16.57
N GLU A 236 5.11 3.89 -15.70
CA GLU A 236 4.84 4.27 -14.34
C GLU A 236 6.14 4.45 -13.62
N TYR A 237 7.06 3.50 -13.85
CA TYR A 237 8.38 3.53 -13.24
C TYR A 237 9.22 4.67 -13.82
N GLU A 238 8.85 5.12 -15.00
CA GLU A 238 9.54 6.22 -15.67
C GLU A 238 9.25 7.48 -14.86
N THR A 239 7.97 7.67 -14.55
CA THR A 239 7.52 8.82 -13.79
C THR A 239 8.15 8.88 -12.39
N VAL A 240 8.14 7.75 -11.69
CA VAL A 240 8.71 7.72 -10.36
C VAL A 240 10.19 8.18 -10.27
N ARG A 241 10.96 7.92 -11.32
CA ARG A 241 12.36 8.33 -11.34
C ARG A 241 12.38 9.83 -11.46
N ILE A 242 11.53 10.32 -12.35
CA ILE A 242 11.42 11.74 -12.61
C ILE A 242 11.08 12.50 -11.33
N GLN A 243 10.20 11.95 -10.50
CA GLN A 243 9.83 12.63 -9.27
C GLN A 243 11.01 12.54 -8.32
N HIS A 244 11.67 11.39 -8.31
CA HIS A 244 12.80 11.22 -7.45
C HIS A 244 14.03 12.04 -7.85
N GLY A 245 13.79 13.12 -8.57
CA GLY A 245 14.86 14.01 -8.99
C GLY A 245 15.83 13.40 -9.97
N ARG A 246 15.38 12.36 -10.65
CA ARG A 246 16.21 11.66 -11.63
C ARG A 246 15.86 12.17 -13.04
N GLN B 1 -33.24 -6.82 -16.06
CA GLN B 1 -31.98 -6.09 -15.72
C GLN B 1 -30.80 -6.57 -16.57
N ALA B 2 -29.97 -5.62 -17.01
CA ALA B 2 -28.80 -5.95 -17.81
C ALA B 2 -27.88 -6.79 -16.95
N GLU B 3 -27.24 -7.79 -17.53
CA GLU B 3 -26.38 -8.66 -16.74
C GLU B 3 -25.50 -7.98 -15.71
N TRP B 4 -24.89 -6.85 -16.07
CA TRP B 4 -24.01 -6.14 -15.15
C TRP B 4 -24.79 -5.87 -13.87
N ARG B 5 -26.05 -5.45 -14.04
CA ARG B 5 -26.97 -5.14 -12.93
C ARG B 5 -27.23 -6.33 -12.01
N SER B 6 -26.51 -7.41 -12.22
CA SER B 6 -26.73 -8.62 -11.42
C SER B 6 -25.46 -9.07 -10.70
N TRP B 7 -24.33 -8.42 -10.99
CA TRP B 7 -23.03 -8.77 -10.38
C TRP B 7 -23.03 -8.45 -8.89
N GLU B 8 -21.88 -8.58 -8.26
CA GLU B 8 -21.77 -8.28 -6.83
C GLU B 8 -21.76 -6.77 -6.65
N VAL B 9 -22.43 -6.27 -5.62
CA VAL B 9 -22.53 -4.82 -5.37
C VAL B 9 -21.20 -4.13 -5.57
N ASN B 10 -20.15 -4.74 -5.03
CA ASN B 10 -18.80 -4.20 -5.13
C ASN B 10 -18.33 -4.19 -6.58
N LYS B 11 -18.64 -5.25 -7.32
CA LYS B 11 -18.28 -5.32 -8.73
C LYS B 11 -19.16 -4.38 -9.55
N ARG B 12 -20.33 -4.07 -9.02
CA ARG B 12 -21.23 -3.11 -9.67
C ARG B 12 -20.76 -1.68 -9.46
N LEU B 13 -20.17 -1.41 -8.30
CA LEU B 13 -19.66 -0.07 -8.01
C LEU B 13 -18.57 0.26 -9.04
N GLU B 14 -17.55 -0.59 -9.09
CA GLU B 14 -16.42 -0.43 -10.01
C GLU B 14 -16.84 -0.18 -11.46
N TYR B 15 -17.79 -0.99 -11.93
CA TYR B 15 -18.31 -0.89 -13.29
C TYR B 15 -18.87 0.52 -13.48
N SER B 16 -19.82 0.92 -12.62
CA SER B 16 -20.45 2.23 -12.67
C SER B 16 -19.42 3.31 -12.83
N LEU B 17 -18.36 3.24 -12.02
CA LEU B 17 -17.28 4.24 -12.05
C LEU B 17 -16.66 4.30 -13.41
N VAL B 18 -16.17 3.16 -13.87
CA VAL B 18 -15.52 3.09 -15.15
C VAL B 18 -16.37 3.65 -16.27
N LYS B 19 -17.61 3.20 -16.33
CA LYS B 19 -18.54 3.59 -17.36
C LYS B 19 -19.19 4.97 -17.21
N GLY B 20 -19.11 5.56 -16.02
CA GLY B 20 -19.71 6.87 -15.78
C GLY B 20 -21.22 6.85 -15.73
N ILE B 21 -21.75 5.80 -15.11
CA ILE B 21 -23.17 5.61 -14.99
C ILE B 21 -23.61 6.19 -13.65
N THR B 22 -24.43 7.24 -13.68
CA THR B 22 -24.89 7.86 -12.45
C THR B 22 -26.27 7.36 -12.04
N GLU B 23 -26.87 6.49 -12.86
CA GLU B 23 -28.21 6.01 -12.53
C GLU B 23 -28.37 5.09 -11.31
N PHE B 24 -27.36 4.30 -10.99
CA PHE B 24 -27.48 3.39 -9.84
C PHE B 24 -26.50 3.58 -8.70
N ILE B 25 -25.72 4.66 -8.76
CA ILE B 25 -24.71 4.93 -7.74
C ILE B 25 -25.21 4.97 -6.31
N GLU B 26 -26.29 5.70 -6.07
CA GLU B 26 -26.82 5.83 -4.72
C GLU B 26 -27.24 4.47 -4.21
N GLN B 27 -28.18 3.83 -4.90
CA GLN B 27 -28.70 2.54 -4.46
C GLN B 27 -27.68 1.44 -4.39
N ASP B 28 -26.57 1.64 -5.09
CA ASP B 28 -25.47 0.68 -5.09
C ASP B 28 -24.58 0.99 -3.86
N THR B 29 -24.32 2.28 -3.63
CA THR B 29 -23.48 2.71 -2.51
C THR B 29 -24.12 2.29 -1.20
N GLU B 30 -25.42 2.53 -1.08
CA GLU B 30 -26.20 2.20 0.11
C GLU B 30 -26.10 0.71 0.44
N GLU B 31 -26.24 -0.14 -0.58
CA GLU B 31 -26.14 -1.59 -0.42
C GLU B 31 -24.76 -1.92 0.08
N ALA B 32 -23.75 -1.27 -0.49
CA ALA B 32 -22.37 -1.45 -0.09
C ALA B 32 -22.17 -0.89 1.35
N ARG B 33 -22.90 0.20 1.65
CA ARG B 33 -22.86 0.86 2.94
C ARG B 33 -23.28 -0.11 4.05
N GLN B 34 -24.39 -0.81 3.84
CA GLN B 34 -24.91 -1.74 4.82
C GLN B 34 -24.02 -2.96 5.12
N GLN B 35 -23.13 -3.28 4.20
CA GLN B 35 -22.22 -4.42 4.33
C GLN B 35 -20.90 -4.13 5.05
N ALA B 36 -20.47 -2.85 5.02
CA ALA B 36 -19.23 -2.39 5.63
C ALA B 36 -19.44 -1.92 7.06
N THR B 37 -18.45 -2.14 7.91
CA THR B 37 -18.51 -1.69 9.29
C THR B 37 -18.48 -0.18 9.35
N ARG B 38 -17.75 0.42 8.42
CA ARG B 38 -17.61 1.85 8.39
C ARG B 38 -17.69 2.42 6.98
N PRO B 39 -18.44 3.53 6.80
CA PRO B 39 -18.62 4.19 5.51
C PRO B 39 -17.28 4.40 4.84
N ILE B 40 -16.30 4.87 5.60
CA ILE B 40 -14.98 5.10 5.04
C ILE B 40 -14.50 3.85 4.29
N GLU B 41 -14.90 2.66 4.76
CA GLU B 41 -14.50 1.41 4.12
C GLU B 41 -14.94 1.34 2.65
N VAL B 42 -16.18 1.72 2.35
CA VAL B 42 -16.62 1.63 0.96
C VAL B 42 -15.82 2.58 0.07
N ILE B 43 -15.53 3.76 0.62
CA ILE B 43 -14.75 4.76 -0.09
C ILE B 43 -13.32 4.24 -0.40
N GLU B 44 -12.64 3.76 0.62
CA GLU B 44 -11.28 3.24 0.46
C GLU B 44 -11.20 1.80 -0.04
N GLY B 45 -12.35 1.22 -0.33
CA GLY B 45 -12.38 -0.14 -0.83
C GLY B 45 -12.81 -0.07 -2.26
N PRO B 46 -14.06 -0.47 -2.54
CA PRO B 46 -14.66 -0.47 -3.87
C PRO B 46 -14.34 0.79 -4.65
N LEU B 47 -14.90 1.90 -4.20
CA LEU B 47 -14.72 3.20 -4.84
C LEU B 47 -13.29 3.50 -5.28
N MET B 48 -12.33 3.36 -4.39
CA MET B 48 -10.95 3.62 -4.76
C MET B 48 -10.47 2.70 -5.87
N ASP B 49 -10.74 1.40 -5.73
CA ASP B 49 -10.33 0.45 -6.74
C ASP B 49 -10.90 0.93 -8.06
N GLY B 50 -12.19 1.25 -8.08
CA GLY B 50 -12.81 1.72 -9.29
C GLY B 50 -12.08 2.88 -9.93
N MET B 51 -11.65 3.82 -9.08
CA MET B 51 -10.92 4.98 -9.56
C MET B 51 -9.52 4.58 -10.01
N ASN B 52 -9.01 3.48 -9.48
CA ASN B 52 -7.69 3.02 -9.86
C ASN B 52 -7.74 2.60 -11.33
N VAL B 53 -8.68 1.71 -11.62
CA VAL B 53 -8.88 1.20 -12.96
C VAL B 53 -9.11 2.34 -13.92
N VAL B 54 -9.96 3.27 -13.53
CA VAL B 54 -10.20 4.43 -14.37
C VAL B 54 -8.82 5.00 -14.65
N GLY B 55 -8.05 5.25 -13.59
CA GLY B 55 -6.72 5.81 -13.73
C GLY B 55 -5.97 5.10 -14.84
N ASP B 56 -5.80 3.78 -14.70
CA ASP B 56 -5.10 2.94 -15.67
C ASP B 56 -5.59 3.02 -17.10
N LEU B 57 -6.87 2.76 -17.31
CA LEU B 57 -7.45 2.79 -18.64
C LEU B 57 -7.08 4.11 -19.29
N PHE B 58 -7.16 5.18 -18.53
CA PHE B 58 -6.82 6.50 -19.01
C PHE B 58 -5.36 6.53 -19.40
N GLY B 59 -4.49 6.05 -18.49
CA GLY B 59 -3.05 6.00 -18.71
C GLY B 59 -2.62 5.24 -19.96
N GLU B 60 -3.31 4.14 -20.26
CA GLU B 60 -3.00 3.36 -21.45
C GLU B 60 -3.80 3.87 -22.64
N GLY B 61 -4.39 5.05 -22.48
CA GLY B 61 -5.16 5.67 -23.54
C GLY B 61 -6.40 4.91 -23.98
N LYS B 62 -6.85 3.96 -23.18
CA LYS B 62 -8.04 3.22 -23.52
C LYS B 62 -9.26 4.00 -23.00
N MET B 63 -8.96 5.14 -22.37
CA MET B 63 -9.95 6.03 -21.81
C MET B 63 -9.44 7.43 -22.03
N PHE B 64 -10.37 8.38 -22.12
CA PHE B 64 -10.03 9.76 -22.38
C PHE B 64 -10.51 10.70 -21.29
N LEU B 65 -10.02 11.93 -21.32
CA LEU B 65 -10.39 12.91 -20.31
C LEU B 65 -11.87 13.11 -20.12
N PRO B 66 -12.61 13.34 -21.21
CA PRO B 66 -14.06 13.55 -21.05
C PRO B 66 -14.75 12.39 -20.32
N GLN B 67 -14.08 11.24 -20.28
CA GLN B 67 -14.62 10.05 -19.65
C GLN B 67 -14.19 9.93 -18.21
N VAL B 68 -12.92 10.21 -17.95
CA VAL B 68 -12.45 10.17 -16.59
C VAL B 68 -13.27 11.25 -15.88
N VAL B 69 -13.64 12.31 -16.60
CA VAL B 69 -14.44 13.40 -16.01
C VAL B 69 -15.85 12.92 -15.60
N LYS B 70 -16.42 11.97 -16.35
CA LYS B 70 -17.72 11.44 -15.99
C LYS B 70 -17.58 10.46 -14.84
N SER B 71 -16.45 9.76 -14.82
CA SER B 71 -16.13 8.82 -13.78
C SER B 71 -15.97 9.59 -12.46
N ALA B 72 -15.38 10.77 -12.53
CA ALA B 72 -15.18 11.60 -11.35
C ALA B 72 -16.53 12.02 -10.81
N ARG B 73 -17.44 12.44 -11.68
CA ARG B 73 -18.75 12.85 -11.19
C ARG B 73 -19.44 11.69 -10.48
N VAL B 74 -19.33 10.48 -10.98
CA VAL B 74 -19.93 9.34 -10.26
C VAL B 74 -19.29 9.15 -8.87
N MET B 75 -17.94 9.18 -8.82
CA MET B 75 -17.19 9.04 -7.55
C MET B 75 -17.71 10.10 -6.63
N LYS B 76 -17.67 11.32 -7.12
CA LYS B 76 -18.17 12.46 -6.37
C LYS B 76 -19.59 12.20 -5.77
N GLN B 77 -20.49 11.72 -6.60
CA GLN B 77 -21.86 11.44 -6.18
C GLN B 77 -21.93 10.33 -5.14
N ALA B 78 -21.06 9.34 -5.28
CA ALA B 78 -21.00 8.24 -4.34
C ALA B 78 -20.57 8.75 -2.98
N VAL B 79 -19.47 9.53 -2.94
CA VAL B 79 -18.95 10.10 -1.68
C VAL B 79 -20.01 10.98 -1.00
N ALA B 80 -20.65 11.81 -1.80
CA ALA B 80 -21.67 12.72 -1.32
C ALA B 80 -22.74 12.00 -0.52
N TYR B 81 -23.17 10.84 -1.02
CA TYR B 81 -24.20 10.04 -0.36
C TYR B 81 -23.77 9.60 1.03
N LEU B 82 -22.55 9.08 1.11
CA LEU B 82 -21.98 8.62 2.36
C LEU B 82 -21.80 9.72 3.38
N GLU B 83 -21.33 10.89 2.93
CA GLU B 83 -21.05 12.02 3.83
C GLU B 83 -21.94 12.20 5.08
N PRO B 84 -23.26 12.01 4.95
CA PRO B 84 -23.94 12.21 6.23
C PRO B 84 -23.81 10.94 7.09
N PHE B 85 -23.79 9.76 6.46
CA PHE B 85 -23.63 8.53 7.24
C PHE B 85 -22.34 8.64 8.06
N ILE B 86 -21.44 9.51 7.60
CA ILE B 86 -20.20 9.74 8.31
C ILE B 86 -20.42 10.73 9.48
N GLU B 87 -20.91 11.92 9.15
CA GLU B 87 -21.17 12.97 10.14
C GLU B 87 -22.18 12.62 11.27
N ALA B 88 -22.92 11.53 11.11
CA ALA B 88 -23.87 11.10 12.16
C ALA B 88 -23.03 10.38 13.19
N SER B 89 -21.83 10.01 12.76
CA SER B 89 -20.86 9.34 13.60
C SER B 89 -19.85 10.41 14.04
N LYS B 90 -20.18 11.02 15.17
CA LYS B 90 -19.40 12.06 15.86
C LYS B 90 -20.36 12.59 16.91
N GLU B 91 -20.47 11.86 18.02
CA GLU B 91 -21.38 12.31 19.08
C GLU B 91 -20.57 13.26 19.96
N GLN B 92 -21.25 14.21 20.58
CA GLN B 92 -20.62 15.18 21.47
C GLN B 92 -19.26 15.65 20.94
N GLY B 93 -18.27 15.72 21.83
CA GLY B 93 -16.93 16.15 21.47
C GLY B 93 -16.87 17.58 21.00
N LYS B 94 -15.68 18.18 21.10
CA LYS B 94 -15.47 19.54 20.64
C LYS B 94 -14.39 19.51 19.56
N THR B 95 -13.22 20.03 19.89
CA THR B 95 -12.14 20.06 18.94
C THR B 95 -10.88 19.51 19.57
N ASN B 96 -10.18 18.69 18.81
CA ASN B 96 -8.93 18.09 19.24
C ASN B 96 -7.81 18.89 18.59
N GLY B 97 -8.13 19.58 17.49
CA GLY B 97 -7.12 20.36 16.82
C GLY B 97 -7.64 21.24 15.71
N LYS B 98 -6.82 21.47 14.70
CA LYS B 98 -7.19 22.30 13.57
C LYS B 98 -6.13 22.13 12.47
N MET B 99 -6.57 21.99 11.23
CA MET B 99 -5.69 21.77 10.08
C MET B 99 -6.17 22.56 8.87
N VAL B 100 -5.20 23.15 8.18
CA VAL B 100 -5.46 23.89 6.96
C VAL B 100 -4.93 22.92 5.92
N ILE B 101 -5.83 22.36 5.12
CA ILE B 101 -5.47 21.40 4.08
C ILE B 101 -5.70 22.08 2.75
N ALA B 102 -4.95 21.68 1.74
CA ALA B 102 -5.08 22.32 0.45
C ALA B 102 -4.37 21.58 -0.66
N THR B 103 -5.00 21.55 -1.83
CA THR B 103 -4.40 20.93 -2.99
C THR B 103 -3.42 22.00 -3.48
N VAL B 104 -2.17 21.57 -3.57
CA VAL B 104 -1.03 22.37 -3.97
C VAL B 104 -1.25 23.08 -5.29
N LYS B 105 -0.37 24.04 -5.58
CA LYS B 105 -0.43 24.81 -6.80
C LYS B 105 -0.25 24.02 -8.11
N GLY B 106 -1.10 24.31 -9.09
CA GLY B 106 -1.01 23.65 -10.39
C GLY B 106 -1.81 22.38 -10.50
N ASP B 107 -2.27 21.94 -9.33
CA ASP B 107 -3.04 20.72 -9.20
C ASP B 107 -4.49 21.06 -8.94
N VAL B 108 -5.39 20.38 -9.65
CA VAL B 108 -6.81 20.63 -9.49
C VAL B 108 -7.54 19.41 -8.89
N HIS B 109 -6.80 18.32 -8.68
CA HIS B 109 -7.37 17.12 -8.09
C HIS B 109 -7.72 17.40 -6.65
N ASP B 110 -8.91 16.99 -6.22
CA ASP B 110 -9.35 17.22 -4.85
C ASP B 110 -10.21 16.16 -4.23
N ILE B 111 -10.70 15.22 -5.03
CA ILE B 111 -11.54 14.14 -4.53
C ILE B 111 -11.01 13.52 -3.21
N GLY B 112 -9.69 13.44 -3.06
CA GLY B 112 -9.09 12.88 -1.86
C GLY B 112 -8.83 13.90 -0.76
N LYS B 113 -8.41 15.12 -1.14
CA LYS B 113 -8.14 16.18 -0.18
C LYS B 113 -9.37 16.30 0.65
N ASN B 114 -10.50 15.97 0.01
CA ASN B 114 -11.82 16.03 0.63
C ASN B 114 -12.19 14.89 1.59
N ILE B 115 -11.94 13.66 1.16
CA ILE B 115 -12.22 12.48 1.98
C ILE B 115 -11.44 12.61 3.29
N VAL B 116 -10.18 13.01 3.21
CA VAL B 116 -9.39 13.17 4.43
C VAL B 116 -10.01 14.32 5.26
N GLY B 117 -10.57 15.31 4.59
CA GLY B 117 -11.19 16.42 5.29
C GLY B 117 -12.45 16.00 6.03
N VAL B 118 -13.33 15.28 5.33
CA VAL B 118 -14.57 14.78 5.93
C VAL B 118 -14.27 13.81 7.08
N VAL B 119 -13.23 12.99 6.94
CA VAL B 119 -12.86 12.02 7.99
C VAL B 119 -12.37 12.70 9.27
N LEU B 120 -11.38 13.58 9.14
CA LEU B 120 -10.84 14.31 10.29
C LEU B 120 -11.97 15.13 10.91
N GLN B 121 -12.89 15.62 10.08
CA GLN B 121 -14.02 16.38 10.57
C GLN B 121 -14.87 15.56 11.53
N CYS B 122 -15.45 14.45 11.10
CA CYS B 122 -16.27 13.69 12.04
C CYS B 122 -15.44 13.14 13.18
N ASN B 123 -14.15 13.50 13.23
CA ASN B 123 -13.26 13.05 14.32
C ASN B 123 -12.94 14.17 15.30
N ASN B 124 -13.68 15.25 15.12
CA ASN B 124 -13.55 16.44 15.89
C ASN B 124 -12.23 17.15 15.74
N TYR B 125 -12.09 17.85 14.64
CA TYR B 125 -10.94 18.69 14.32
C TYR B 125 -11.57 19.75 13.44
N GLU B 126 -10.89 20.86 13.23
CA GLU B 126 -11.48 21.88 12.39
C GLU B 126 -10.64 21.87 11.15
N ILE B 127 -11.27 21.73 9.98
CA ILE B 127 -10.51 21.71 8.73
C ILE B 127 -10.81 22.91 7.82
N VAL B 128 -9.85 23.81 7.71
CA VAL B 128 -10.03 24.94 6.81
C VAL B 128 -9.32 24.55 5.53
N ASP B 129 -10.16 24.09 4.61
CA ASP B 129 -9.76 23.63 3.28
C ASP B 129 -9.58 24.81 2.33
N LEU B 130 -8.36 25.15 1.98
CA LEU B 130 -8.11 26.27 1.07
C LEU B 130 -8.46 25.96 -0.39
N GLY B 131 -8.86 24.73 -0.70
CA GLY B 131 -9.20 24.40 -2.07
C GLY B 131 -8.09 23.84 -2.93
N VAL B 132 -8.27 23.91 -4.24
CA VAL B 132 -7.30 23.40 -5.20
C VAL B 132 -6.40 24.55 -5.65
N MET B 133 -5.23 24.20 -6.20
CA MET B 133 -4.23 25.14 -6.72
C MET B 133 -3.81 26.27 -5.79
N VAL B 134 -3.82 26.06 -4.48
CA VAL B 134 -3.46 27.14 -3.56
C VAL B 134 -1.96 27.34 -3.30
N PRO B 135 -1.44 28.55 -3.62
CA PRO B 135 -0.06 29.03 -3.49
C PRO B 135 0.57 28.90 -2.10
N ALA B 136 1.85 28.52 -2.05
CA ALA B 136 2.54 28.36 -0.78
C ALA B 136 2.34 29.50 0.21
N GLU B 137 2.52 30.73 -0.24
CA GLU B 137 2.33 31.81 0.70
C GLU B 137 0.90 31.89 1.25
N LYS B 138 -0.10 31.52 0.45
CA LYS B 138 -1.46 31.57 0.95
C LYS B 138 -1.68 30.37 1.88
N ILE B 139 -0.79 29.38 1.80
CA ILE B 139 -0.91 28.22 2.69
C ILE B 139 -0.46 28.70 4.08
N LEU B 140 0.74 29.30 4.14
CA LEU B 140 1.29 29.79 5.39
C LEU B 140 0.51 30.94 6.02
N ARG B 141 0.11 31.94 5.21
CA ARG B 141 -0.65 33.08 5.73
C ARG B 141 -1.86 32.57 6.51
N THR B 142 -2.58 31.63 5.94
CA THR B 142 -3.73 31.06 6.63
C THR B 142 -3.32 30.21 7.82
N ALA B 143 -2.30 29.37 7.66
CA ALA B 143 -1.82 28.54 8.77
C ALA B 143 -1.51 29.39 9.99
N LYS B 144 -0.86 30.52 9.76
CA LYS B 144 -0.59 31.47 10.83
C LYS B 144 -1.88 32.07 11.35
N GLU B 145 -2.59 32.78 10.46
CA GLU B 145 -3.77 33.55 10.84
C GLU B 145 -4.80 32.72 11.59
N VAL B 146 -4.93 31.45 11.22
CA VAL B 146 -5.93 30.58 11.85
C VAL B 146 -5.31 29.81 13.01
N ASN B 147 -3.98 29.80 13.06
CA ASN B 147 -3.25 29.09 14.10
C ASN B 147 -3.49 27.60 13.99
N ALA B 148 -3.12 27.04 12.85
CA ALA B 148 -3.29 25.64 12.62
C ALA B 148 -2.24 24.90 13.42
N ASP B 149 -2.56 23.66 13.73
CA ASP B 149 -1.68 22.79 14.47
C ASP B 149 -0.93 21.88 13.49
N LEU B 150 -1.37 21.87 12.23
CA LEU B 150 -0.77 21.07 11.17
C LEU B 150 -1.15 21.72 9.87
N ILE B 151 -0.59 21.19 8.78
CA ILE B 151 -0.89 21.65 7.43
C ILE B 151 -0.85 20.38 6.61
N GLY B 152 -1.83 20.18 5.75
CA GLY B 152 -1.86 19.01 4.92
C GLY B 152 -1.80 19.49 3.49
N LEU B 153 -0.97 18.86 2.68
CA LEU B 153 -0.84 19.21 1.27
C LEU B 153 -1.22 17.99 0.52
N SER B 154 -2.09 18.15 -0.47
CA SER B 154 -2.50 17.02 -1.28
C SER B 154 -1.83 17.25 -2.66
N GLY B 155 -1.50 16.17 -3.36
CA GLY B 155 -0.88 16.31 -4.65
C GLY B 155 -1.09 15.05 -5.46
N LEU B 156 -1.48 15.23 -6.72
CA LEU B 156 -1.73 14.11 -7.62
C LEU B 156 -0.94 14.02 -8.91
N ILE B 157 -0.40 15.15 -9.37
CA ILE B 157 0.34 15.17 -10.62
C ILE B 157 1.81 15.33 -10.33
N THR B 158 2.65 14.78 -11.18
CA THR B 158 4.09 14.84 -10.96
C THR B 158 4.66 16.16 -10.43
N PRO B 159 4.40 17.27 -11.12
CA PRO B 159 4.88 18.59 -10.71
C PRO B 159 4.49 19.00 -9.28
N SER B 160 3.33 18.53 -8.82
CA SER B 160 2.90 18.85 -7.49
C SER B 160 3.97 18.48 -6.50
N LEU B 161 4.56 17.29 -6.67
CA LEU B 161 5.61 16.81 -5.79
C LEU B 161 6.62 17.91 -5.52
N ASP B 162 6.94 18.70 -6.54
CA ASP B 162 7.87 19.79 -6.35
C ASP B 162 7.26 20.91 -5.57
N GLU B 163 6.00 21.27 -5.83
CA GLU B 163 5.41 22.34 -5.03
C GLU B 163 5.42 21.99 -3.54
N MET B 164 5.38 20.70 -3.24
CA MET B 164 5.41 20.21 -1.88
C MET B 164 6.80 20.46 -1.30
N VAL B 165 7.83 20.04 -2.03
CA VAL B 165 9.21 20.24 -1.61
C VAL B 165 9.36 21.74 -1.36
N ASN B 166 8.75 22.53 -2.24
CA ASN B 166 8.82 23.97 -2.11
C ASN B 166 8.15 24.54 -0.85
N VAL B 167 6.89 24.19 -0.58
CA VAL B 167 6.27 24.74 0.62
C VAL B 167 6.95 24.19 1.88
N ALA B 168 7.70 23.10 1.75
CA ALA B 168 8.41 22.56 2.90
C ALA B 168 9.50 23.61 3.23
N LYS B 169 10.28 23.98 2.21
CA LYS B 169 11.37 24.95 2.36
C LYS B 169 10.82 26.29 2.84
N GLU B 170 9.76 26.75 2.17
CA GLU B 170 9.12 28.02 2.51
C GLU B 170 8.66 28.06 3.96
N MET B 171 8.12 26.95 4.43
CA MET B 171 7.68 26.83 5.82
C MET B 171 8.88 27.07 6.73
N GLU B 172 9.97 26.37 6.43
CA GLU B 172 11.20 26.49 7.19
C GLU B 172 11.76 27.91 7.23
N ARG B 173 11.61 28.61 6.11
CA ARG B 173 12.08 29.98 5.92
C ARG B 173 11.38 30.89 6.94
N GLN B 174 10.07 30.70 7.09
CA GLN B 174 9.32 31.48 8.05
C GLN B 174 9.46 30.82 9.41
N GLY B 175 10.38 29.87 9.46
CA GLY B 175 10.65 29.15 10.68
C GLY B 175 9.41 28.55 11.30
N PHE B 176 8.70 27.73 10.54
CA PHE B 176 7.52 27.11 11.09
C PHE B 176 7.97 25.97 12.00
N THR B 177 7.01 25.46 12.77
CA THR B 177 7.29 24.40 13.70
C THR B 177 6.24 23.28 13.66
N ILE B 178 5.12 23.56 12.98
CA ILE B 178 4.03 22.59 12.88
C ILE B 178 4.30 21.47 11.92
N PRO B 179 3.87 20.25 12.27
CA PRO B 179 4.04 19.07 11.45
C PRO B 179 3.41 19.27 10.09
N LEU B 180 4.13 18.82 9.06
CA LEU B 180 3.66 18.92 7.69
C LEU B 180 3.21 17.54 7.27
N LEU B 181 1.97 17.45 6.81
CA LEU B 181 1.43 16.18 6.37
C LEU B 181 1.36 16.19 4.84
N ILE B 182 1.89 15.12 4.24
CA ILE B 182 1.93 15.01 2.78
C ILE B 182 1.10 13.83 2.34
N GLY B 183 0.50 13.95 1.17
CA GLY B 183 -0.31 12.86 0.63
C GLY B 183 -0.88 13.13 -0.75
N GLY B 184 -1.61 12.14 -1.26
CA GLY B 184 -2.19 12.24 -2.58
C GLY B 184 -1.73 11.01 -3.30
N ALA B 185 -2.51 10.53 -4.24
CA ALA B 185 -2.15 9.32 -4.95
C ALA B 185 -0.70 9.19 -5.43
N THR B 186 -0.15 10.21 -6.08
CA THR B 186 1.22 10.08 -6.57
C THR B 186 2.32 10.35 -5.55
N THR B 187 1.92 10.46 -4.28
CA THR B 187 2.86 10.69 -3.19
C THR B 187 3.27 9.35 -2.57
N SER B 188 4.57 9.19 -2.37
CA SER B 188 5.12 7.97 -1.83
C SER B 188 6.00 8.31 -0.65
N LYS B 189 6.12 7.38 0.29
CA LYS B 189 6.97 7.61 1.44
C LYS B 189 8.39 7.85 0.97
N ALA B 190 8.79 7.07 -0.04
CA ALA B 190 10.12 7.18 -0.63
C ALA B 190 10.48 8.62 -0.95
N HIS B 191 9.68 9.24 -1.81
CA HIS B 191 9.90 10.62 -2.20
C HIS B 191 9.85 11.59 -0.98
N THR B 192 8.90 11.36 -0.09
CA THR B 192 8.71 12.17 1.10
C THR B 192 9.95 12.09 1.99
N ALA B 193 10.62 10.95 1.97
CA ALA B 193 11.80 10.78 2.79
C ALA B 193 12.99 11.31 2.05
N VAL B 194 13.06 10.92 0.78
CA VAL B 194 14.17 11.30 -0.06
C VAL B 194 14.21 12.75 -0.50
N LYS B 195 13.08 13.26 -0.97
CA LYS B 195 13.05 14.62 -1.45
C LYS B 195 12.27 15.69 -0.72
N ILE B 196 11.45 15.35 0.26
CA ILE B 196 10.69 16.39 0.93
C ILE B 196 11.21 16.81 2.31
N GLU B 197 11.15 15.86 3.24
CA GLU B 197 11.54 16.03 4.65
C GLU B 197 12.72 16.94 4.99
N GLN B 198 13.89 16.60 4.45
CA GLN B 198 15.14 17.34 4.68
C GLN B 198 15.03 18.87 4.68
N ASN B 199 14.10 19.39 3.89
CA ASN B 199 13.87 20.82 3.79
C ASN B 199 13.09 21.41 4.95
N TYR B 200 12.90 20.70 6.04
CA TYR B 200 12.12 21.25 7.13
C TYR B 200 12.38 20.61 8.49
N SER B 201 12.69 21.46 9.47
CA SER B 201 13.00 21.04 10.83
C SER B 201 11.83 20.48 11.62
N GLY B 202 10.61 20.80 11.20
CA GLY B 202 9.45 20.29 11.91
C GLY B 202 9.11 18.91 11.34
N PRO B 203 8.15 18.19 11.95
CA PRO B 203 7.79 16.87 11.44
C PRO B 203 7.15 17.00 10.05
N THR B 204 7.41 16.02 9.20
CA THR B 204 6.82 15.93 7.86
C THR B 204 6.48 14.47 7.80
N VAL B 205 5.19 14.19 7.85
CA VAL B 205 4.73 12.83 7.84
C VAL B 205 3.90 12.55 6.60
N TYR B 206 4.33 11.54 5.85
CA TYR B 206 3.63 11.09 4.65
C TYR B 206 2.59 10.10 5.16
N VAL B 207 1.31 10.35 4.91
CA VAL B 207 0.30 9.41 5.35
C VAL B 207 -0.33 8.80 4.09
N GLN B 208 -0.51 7.48 4.09
CA GLN B 208 -1.04 6.78 2.91
C GLN B 208 -2.48 7.04 2.55
N ASN B 209 -3.36 7.18 3.54
CA ASN B 209 -4.77 7.41 3.24
C ASN B 209 -5.57 8.07 4.37
N ALA B 210 -6.79 8.44 4.04
CA ALA B 210 -7.71 9.13 4.95
C ALA B 210 -7.93 8.53 6.31
N SER B 211 -8.32 7.26 6.32
CA SER B 211 -8.56 6.61 7.60
C SER B 211 -7.29 6.61 8.43
N ARG B 212 -6.14 6.35 7.83
CA ARG B 212 -4.92 6.35 8.61
C ARG B 212 -4.46 7.73 9.06
N THR B 213 -5.08 8.79 8.54
CA THR B 213 -4.67 10.13 8.93
C THR B 213 -5.01 10.43 10.37
N VAL B 214 -6.17 9.98 10.82
CA VAL B 214 -6.60 10.19 12.21
C VAL B 214 -5.52 9.71 13.18
N GLY B 215 -4.93 8.56 12.87
CA GLY B 215 -3.89 7.97 13.70
C GLY B 215 -2.65 8.83 13.88
N VAL B 216 -2.21 9.43 12.78
CA VAL B 216 -1.05 10.29 12.81
C VAL B 216 -1.41 11.56 13.56
N VAL B 217 -2.46 12.25 13.12
CA VAL B 217 -2.89 13.52 13.74
C VAL B 217 -3.03 13.44 15.28
N ALA B 218 -3.47 12.30 15.80
CA ALA B 218 -3.61 12.17 17.25
C ALA B 218 -2.23 12.20 17.86
N ALA B 219 -1.33 11.40 17.28
CA ALA B 219 0.06 11.25 17.74
C ALA B 219 0.73 12.59 17.70
N LEU B 220 0.77 13.15 16.51
CA LEU B 220 1.38 14.43 16.27
C LEU B 220 0.86 15.45 17.25
N LEU B 221 -0.30 15.19 17.82
CA LEU B 221 -0.91 16.13 18.77
C LEU B 221 -0.95 15.69 20.22
N SER B 222 -0.51 14.46 20.49
CA SER B 222 -0.53 13.94 21.85
C SER B 222 0.75 14.27 22.56
N ASP B 223 0.64 14.84 23.76
CA ASP B 223 1.82 15.21 24.56
C ASP B 223 2.71 13.99 24.88
N THR B 224 2.06 12.82 24.98
CA THR B 224 2.74 11.57 25.31
C THR B 224 3.42 10.98 24.05
N GLN B 225 2.60 10.74 23.04
CA GLN B 225 3.01 10.13 21.78
C GLN B 225 3.93 10.94 20.86
N ARG B 226 3.63 12.22 20.71
CA ARG B 226 4.38 13.13 19.83
C ARG B 226 5.87 12.87 19.58
N ASP B 227 6.71 13.20 20.55
CA ASP B 227 8.17 13.06 20.44
C ASP B 227 8.67 11.68 20.01
N ASP B 228 7.96 10.63 20.42
CA ASP B 228 8.35 9.28 20.05
C ASP B 228 8.05 9.03 18.58
N PHE B 229 6.78 9.12 18.21
CA PHE B 229 6.30 8.94 16.84
C PHE B 229 7.15 9.73 15.84
N VAL B 230 7.29 11.04 16.11
CA VAL B 230 8.07 11.91 15.23
C VAL B 230 9.48 11.39 15.06
N ALA B 231 10.03 10.71 16.06
CA ALA B 231 11.40 10.17 15.98
C ALA B 231 11.42 8.86 15.22
N ARG B 232 10.47 8.02 15.57
CA ARG B 232 10.34 6.73 14.93
C ARG B 232 10.29 7.02 13.43
N THR B 233 9.40 7.94 13.09
CA THR B 233 9.22 8.36 11.71
C THR B 233 10.48 8.94 11.08
N ARG B 234 11.13 9.89 11.77
CA ARG B 234 12.35 10.51 11.25
C ARG B 234 13.42 9.48 11.03
N LYS B 235 13.46 8.50 11.91
CA LYS B 235 14.44 7.43 11.81
C LYS B 235 14.11 6.46 10.68
N GLU B 236 12.82 6.30 10.40
CA GLU B 236 12.36 5.44 9.32
C GLU B 236 12.69 6.09 7.99
N TYR B 237 12.56 7.41 7.96
CA TYR B 237 12.89 8.20 6.78
C TYR B 237 14.40 8.25 6.57
N GLU B 238 15.15 8.06 7.65
CA GLU B 238 16.61 8.06 7.59
C GLU B 238 17.05 6.80 6.86
N THR B 239 16.39 5.69 7.17
CA THR B 239 16.70 4.39 6.55
C THR B 239 16.45 4.33 5.05
N VAL B 240 15.31 4.82 4.60
CA VAL B 240 14.98 4.78 3.19
C VAL B 240 15.98 5.58 2.33
N ARG B 241 16.52 6.69 2.81
CA ARG B 241 17.48 7.45 1.99
C ARG B 241 18.68 6.53 1.87
N ILE B 242 19.03 5.91 2.99
CA ILE B 242 20.14 4.99 3.06
C ILE B 242 19.99 3.98 1.93
N GLN B 243 18.83 3.37 1.85
CA GLN B 243 18.59 2.37 0.82
C GLN B 243 18.58 2.87 -0.60
N HIS B 244 18.04 4.05 -0.83
CA HIS B 244 18.01 4.58 -2.18
C HIS B 244 19.38 4.99 -2.68
N GLY B 245 20.41 4.70 -1.89
CA GLY B 245 21.78 5.03 -2.23
C GLY B 245 22.16 6.49 -2.06
N ARG B 246 21.94 7.02 -0.86
CA ARG B 246 22.24 8.43 -0.53
C ARG B 246 23.55 9.03 -1.06
#